data_4OT7
#
_entry.id   4OT7
#
_cell.length_a   121.240
_cell.length_b   121.240
_cell.length_c   58.650
_cell.angle_alpha   90.00
_cell.angle_beta   90.00
_cell.angle_gamma   120.00
#
_symmetry.space_group_name_H-M   'P 31 2 1'
#
loop_
_entity.id
_entity.type
_entity.pdbx_description
1 polymer 'NADH:flavin oxidoreductase/NADH oxidase'
2 non-polymer 'FLAVIN MONONUCLEOTIDE'
3 non-polymer 'CHLORIDE ION'
4 water water
#
_entity_poly.entity_id   1
_entity_poly.type   'polypeptide(L)'
_entity_poly.pdbx_seq_one_letter_code
;MGSSHHHHHHSSGLVPRGSHMPSLFDPIRFGAFTAKNRIWMAPLTRGRATRDHVPTEIMAEYYAQRASAGLIISEATGIS
QEGLGWPYAPGIWSDAQVEAWLPITQAVHDAGGLIFAQLWHMGRMVPSNVSGMQPVAPSASQAPGLGHTYDGKKPYDVAR
ALRLDEIPRLLDDYEKAARHALKAGFDGVQIHAANGYLIDEFIRDSTNHRHDEYGGAVENRIRLLKDVTERVIATIGKER
TAVRLSPYGVFNSMSGGAETGIVQVFIPAAKMLSDLDIAFLGMREGAVDGTFGKTDQPKLSPEIRKVFKPPLVLNQDYTF
ETAQAALDSGVADAISFGRPFIGNPDLPRRFFEKAPLTKDVIETWYTQTPKGYTDYPLLGD
;
_entity_poly.pdbx_strand_id   A
#
# COMPACT_ATOMS: atom_id res chain seq x y z
N MET A 21 -1.19 9.83 -21.87
CA MET A 21 -1.36 8.80 -22.96
C MET A 21 -2.14 7.51 -22.52
N PRO A 22 -1.71 6.78 -21.44
CA PRO A 22 -2.38 5.48 -21.21
C PRO A 22 -3.84 5.59 -20.71
N SER A 23 -4.65 4.62 -21.08
CA SER A 23 -5.98 4.38 -20.48
C SER A 23 -5.83 3.64 -19.13
N LEU A 24 -6.77 3.88 -18.20
CA LEU A 24 -6.83 3.13 -16.94
C LEU A 24 -6.89 1.66 -17.19
N PHE A 25 -7.41 1.28 -18.35
CA PHE A 25 -7.58 -0.14 -18.65
C PHE A 25 -6.35 -0.81 -19.33
N ASP A 26 -5.33 -0.02 -19.63
CA ASP A 26 -4.14 -0.54 -20.27
C ASP A 26 -3.25 -1.26 -19.21
N PRO A 27 -2.61 -2.37 -19.61
CA PRO A 27 -1.58 -2.97 -18.75
C PRO A 27 -0.46 -2.04 -18.44
N ILE A 28 0.30 -2.41 -17.44
CA ILE A 28 1.44 -1.62 -16.95
C ILE A 28 2.53 -2.54 -16.44
N ARG A 29 3.75 -2.36 -16.98
CA ARG A 29 4.93 -2.97 -16.42
C ARG A 29 5.39 -2.27 -15.17
N PHE A 30 5.70 -3.06 -14.14
CA PHE A 30 6.33 -2.53 -12.94
C PHE A 30 7.12 -3.63 -12.29
N GLY A 31 8.32 -3.36 -11.79
CA GLY A 31 9.06 -4.47 -11.15
C GLY A 31 9.24 -5.62 -12.14
N ALA A 32 9.00 -6.85 -11.65
CA ALA A 32 9.06 -8.00 -12.47
C ALA A 32 7.78 -8.37 -13.19
N PHE A 33 6.77 -7.51 -13.14
CA PHE A 33 5.40 -7.82 -13.43
C PHE A 33 4.78 -6.97 -14.53
N THR A 34 3.65 -7.45 -15.02
CA THR A 34 2.74 -6.68 -15.81
C THR A 34 1.36 -6.77 -15.13
N ALA A 35 0.93 -5.66 -14.54
CA ALA A 35 -0.48 -5.57 -14.13
C ALA A 35 -1.40 -5.41 -15.32
N LYS A 36 -2.55 -6.07 -15.26
CA LYS A 36 -3.49 -6.07 -16.36
C LYS A 36 -4.23 -4.77 -16.63
N ASN A 37 -4.23 -3.88 -15.64
CA ASN A 37 -4.78 -2.52 -15.77
C ASN A 37 -4.14 -1.63 -14.75
N ARG A 38 -4.49 -0.34 -14.80
CA ARG A 38 -3.98 0.67 -13.91
C ARG A 38 -4.98 1.12 -12.86
N ILE A 39 -5.91 0.24 -12.53
CA ILE A 39 -6.95 0.46 -11.48
C ILE A 39 -6.60 -0.55 -10.35
N TRP A 40 -5.87 -0.04 -9.38
CA TRP A 40 -5.30 -0.85 -8.35
C TRP A 40 -6.06 -0.69 -7.08
N MET A 41 -6.00 -1.73 -6.23
CA MET A 41 -6.63 -1.70 -4.94
C MET A 41 -5.67 -1.26 -3.82
N ALA A 42 -6.00 -0.13 -3.20
CA ALA A 42 -5.26 0.38 -2.09
C ALA A 42 -5.30 -0.47 -0.84
N PRO A 43 -4.28 -0.33 0.01
CA PRO A 43 -4.30 -1.10 1.21
C PRO A 43 -5.47 -0.77 2.19
N LEU A 44 -6.12 -1.81 2.68
CA LEU A 44 -7.32 -1.62 3.56
C LEU A 44 -7.35 -2.61 4.71
N THR A 45 -7.05 -2.10 5.87
CA THR A 45 -7.26 -2.82 7.14
C THR A 45 -8.76 -3.13 7.30
N ARG A 46 -9.09 -4.42 7.51
CA ARG A 46 -10.47 -4.90 7.62
C ARG A 46 -10.77 -5.72 8.89
N GLY A 47 -9.76 -6.19 9.61
CA GLY A 47 -10.03 -6.86 10.87
C GLY A 47 -10.68 -8.23 10.74
N ARG A 48 -10.38 -9.00 9.69
CA ARG A 48 -10.96 -10.32 9.54
C ARG A 48 -9.95 -11.44 9.83
N ALA A 49 -8.75 -11.08 10.30
CA ALA A 49 -7.79 -12.07 10.77
C ALA A 49 -8.20 -12.56 12.21
N THR A 50 -7.47 -13.52 12.78
CA THR A 50 -7.80 -13.97 14.17
C THR A 50 -7.35 -12.94 15.18
N ARG A 51 -7.77 -13.12 16.43
CA ARG A 51 -7.38 -12.26 17.51
C ARG A 51 -5.88 -12.23 17.64
N ASP A 52 -5.22 -13.39 17.42
CA ASP A 52 -3.77 -13.39 17.47
C ASP A 52 -3.12 -13.26 16.07
N HIS A 53 -3.82 -12.51 15.20
CA HIS A 53 -3.21 -11.96 13.99
C HIS A 53 -2.86 -12.99 12.93
N VAL A 54 -3.63 -14.11 12.88
CA VAL A 54 -3.40 -15.13 11.89
C VAL A 54 -4.44 -14.89 10.79
N PRO A 55 -4.01 -14.94 9.51
CA PRO A 55 -5.02 -14.89 8.48
C PRO A 55 -6.02 -16.03 8.49
N THR A 56 -7.16 -15.78 7.91
CA THR A 56 -8.31 -16.66 7.88
C THR A 56 -8.79 -17.03 6.49
N GLU A 57 -9.56 -18.09 6.37
CA GLU A 57 -10.03 -18.51 5.04
CA GLU A 57 -10.04 -18.53 5.08
C GLU A 57 -10.88 -17.45 4.36
N ILE A 58 -11.69 -16.71 5.10
CA ILE A 58 -12.59 -15.73 4.52
CA ILE A 58 -12.58 -15.79 4.42
C ILE A 58 -11.80 -14.64 3.76
N MET A 59 -10.58 -14.37 4.22
CA MET A 59 -9.70 -13.30 3.57
C MET A 59 -9.34 -13.76 2.13
N ALA A 60 -9.26 -15.08 1.91
CA ALA A 60 -8.92 -15.58 0.58
C ALA A 60 -10.02 -15.27 -0.38
N GLU A 61 -11.27 -15.47 0.04
CA GLU A 61 -12.42 -15.22 -0.82
C GLU A 61 -12.49 -13.72 -1.14
N TYR A 62 -12.28 -12.92 -0.10
CA TYR A 62 -12.32 -11.45 -0.25
C TYR A 62 -11.30 -10.86 -1.28
N TYR A 63 -10.06 -11.24 -1.14
CA TYR A 63 -9.03 -10.87 -2.09
C TYR A 63 -9.26 -11.44 -3.50
N ALA A 64 -9.70 -12.70 -3.61
CA ALA A 64 -9.98 -13.24 -4.91
C ALA A 64 -11.10 -12.49 -5.62
N GLN A 65 -12.10 -12.01 -4.88
CA GLN A 65 -13.21 -11.31 -5.48
C GLN A 65 -12.74 -10.02 -6.12
N ARG A 66 -11.61 -9.55 -5.66
CA ARG A 66 -11.06 -8.21 -6.07
C ARG A 66 -9.82 -8.30 -6.95
N ALA A 67 -9.50 -9.48 -7.40
CA ALA A 67 -8.29 -9.79 -8.18
C ALA A 67 -8.29 -9.25 -9.58
N SER A 68 -9.41 -8.61 -10.01
CA SER A 68 -9.42 -7.88 -11.27
C SER A 68 -8.66 -6.55 -11.16
N ALA A 69 -8.39 -6.10 -9.96
CA ALA A 69 -7.47 -4.99 -9.73
C ALA A 69 -6.14 -5.30 -10.35
N GLY A 70 -5.51 -4.29 -10.97
CA GLY A 70 -4.21 -4.60 -11.60
C GLY A 70 -3.17 -5.13 -10.65
N LEU A 71 -3.19 -4.57 -9.48
CA LEU A 71 -2.45 -4.97 -8.33
C LEU A 71 -3.31 -4.71 -7.09
N ILE A 72 -3.38 -5.74 -6.22
CA ILE A 72 -3.88 -5.57 -4.89
C ILE A 72 -2.73 -5.29 -3.95
N ILE A 73 -2.79 -4.13 -3.22
CA ILE A 73 -1.94 -3.91 -2.06
C ILE A 73 -2.73 -4.34 -0.81
N SER A 74 -2.21 -5.38 -0.11
CA SER A 74 -2.85 -5.86 1.09
C SER A 74 -3.08 -4.82 2.20
N GLU A 75 -4.03 -5.15 3.04
CA GLU A 75 -4.13 -4.59 4.37
C GLU A 75 -2.75 -4.56 5.04
N ALA A 76 -2.59 -3.55 5.89
CA ALA A 76 -1.45 -3.48 6.78
C ALA A 76 -1.23 -4.74 7.54
N THR A 77 0.01 -5.24 7.43
CA THR A 77 0.40 -6.55 7.98
C THR A 77 1.64 -6.37 8.88
N GLY A 78 1.43 -6.72 10.15
CA GLY A 78 2.43 -6.50 11.15
C GLY A 78 3.71 -7.33 10.94
N ILE A 79 4.83 -6.69 11.25
CA ILE A 79 6.16 -7.35 11.19
C ILE A 79 6.76 -7.82 12.49
N SER A 80 6.21 -7.41 13.64
CA SER A 80 6.76 -7.87 14.94
C SER A 80 5.67 -8.19 15.92
N GLN A 81 5.94 -9.24 16.68
CA GLN A 81 4.97 -9.90 17.59
C GLN A 81 4.17 -9.01 18.58
N GLU A 82 4.89 -8.12 19.26
CA GLU A 82 4.27 -7.21 20.22
C GLU A 82 3.71 -5.93 19.57
N GLY A 83 4.47 -5.37 18.64
CA GLY A 83 4.24 -4.01 18.18
C GLY A 83 3.13 -3.74 17.18
N LEU A 84 2.15 -4.65 17.05
CA LEU A 84 0.98 -4.41 16.16
C LEU A 84 -0.02 -3.43 16.89
N GLY A 85 -0.62 -3.78 18.02
CA GLY A 85 -1.22 -5.08 18.27
C GLY A 85 -2.73 -4.82 18.07
N TRP A 86 -3.12 -4.38 16.86
CA TRP A 86 -4.56 -4.24 16.45
C TRP A 86 -5.15 -5.66 16.43
N PRO A 87 -6.03 -6.10 17.41
CA PRO A 87 -6.28 -7.48 16.96
C PRO A 87 -7.25 -7.48 15.73
N TYR A 88 -7.33 -8.70 15.29
CA TYR A 88 -7.93 -9.00 14.09
C TYR A 88 -7.20 -8.49 12.84
N ALA A 89 -6.11 -7.75 12.99
CA ALA A 89 -5.22 -7.44 11.84
C ALA A 89 -4.12 -8.49 11.77
N PRO A 90 -3.72 -8.86 10.54
CA PRO A 90 -2.73 -9.93 10.41
C PRO A 90 -1.29 -9.46 10.61
N GLY A 91 -0.43 -10.42 10.89
CA GLY A 91 0.98 -10.26 10.82
C GLY A 91 1.61 -11.28 9.85
N ILE A 92 2.92 -11.18 9.78
CA ILE A 92 3.70 -12.08 8.92
C ILE A 92 5.06 -12.50 9.52
N TRP A 93 5.22 -12.35 10.84
CA TRP A 93 6.46 -12.71 11.54
C TRP A 93 6.57 -14.24 11.74
N SER A 94 5.50 -14.95 11.72
CA SER A 94 5.54 -16.35 12.15
C SER A 94 5.31 -17.28 10.98
N ASP A 95 5.79 -18.53 11.13
CA ASP A 95 5.51 -19.58 10.17
C ASP A 95 4.04 -19.91 10.08
N ALA A 96 3.30 -19.87 11.21
CA ALA A 96 1.87 -20.15 11.13
C ALA A 96 1.20 -19.06 10.28
N GLN A 97 1.65 -17.82 10.40
CA GLN A 97 1.06 -16.77 9.54
C GLN A 97 1.40 -17.03 8.05
N VAL A 98 2.65 -17.37 7.75
CA VAL A 98 3.05 -17.67 6.36
C VAL A 98 2.12 -18.75 5.79
N GLU A 99 1.94 -19.81 6.56
CA GLU A 99 1.04 -20.86 6.12
C GLU A 99 -0.39 -20.40 5.89
N ALA A 100 -0.88 -19.49 6.74
CA ALA A 100 -2.27 -19.06 6.66
C ALA A 100 -2.50 -18.08 5.51
N TRP A 101 -1.44 -17.38 5.15
CA TRP A 101 -1.48 -16.46 3.95
C TRP A 101 -1.51 -17.17 2.59
N LEU A 102 -1.04 -18.43 2.55
CA LEU A 102 -0.91 -19.13 1.28
C LEU A 102 -2.19 -19.27 0.53
N PRO A 103 -3.31 -19.62 1.23
CA PRO A 103 -4.57 -19.64 0.53
C PRO A 103 -5.04 -18.35 -0.13
N ILE A 104 -4.68 -17.22 0.46
CA ILE A 104 -5.07 -15.90 -0.02
C ILE A 104 -4.30 -15.57 -1.29
N THR A 105 -3.00 -15.80 -1.26
CA THR A 105 -2.19 -15.47 -2.46
C THR A 105 -2.50 -16.46 -3.56
N GLN A 106 -2.77 -17.70 -3.20
N GLN A 106 -2.78 -17.72 -3.20
CA GLN A 106 -3.11 -18.66 -4.18
CA GLN A 106 -3.20 -18.73 -4.18
C GLN A 106 -4.43 -18.34 -4.89
C GLN A 106 -4.45 -18.31 -4.90
N ALA A 107 -5.40 -17.82 -4.14
CA ALA A 107 -6.71 -17.46 -4.68
C ALA A 107 -6.62 -16.28 -5.60
N VAL A 108 -5.77 -15.33 -5.21
CA VAL A 108 -5.53 -14.17 -6.12
C VAL A 108 -4.87 -14.62 -7.45
N HIS A 109 -3.87 -15.46 -7.35
CA HIS A 109 -3.20 -15.93 -8.51
C HIS A 109 -4.05 -16.87 -9.39
N ASP A 110 -4.89 -17.72 -8.78
CA ASP A 110 -5.86 -18.47 -9.51
C ASP A 110 -6.85 -17.62 -10.27
N ALA A 111 -7.13 -16.41 -9.77
CA ALA A 111 -7.96 -15.46 -10.46
C ALA A 111 -7.20 -14.55 -11.39
N GLY A 112 -5.90 -14.76 -11.53
CA GLY A 112 -5.08 -14.13 -12.53
C GLY A 112 -4.49 -12.81 -12.04
N GLY A 113 -4.60 -12.50 -10.74
CA GLY A 113 -4.20 -11.16 -10.30
C GLY A 113 -2.83 -11.22 -9.67
N LEU A 114 -2.50 -10.09 -9.05
CA LEU A 114 -1.26 -9.82 -8.30
C LEU A 114 -1.51 -9.16 -6.97
N ILE A 115 -0.68 -9.51 -6.00
CA ILE A 115 -0.86 -9.04 -4.61
C ILE A 115 0.50 -8.79 -3.89
N PHE A 116 0.68 -7.55 -3.41
CA PHE A 116 1.76 -7.15 -2.55
C PHE A 116 1.26 -7.06 -1.12
N ALA A 117 2.11 -7.43 -0.16
CA ALA A 117 1.83 -7.32 1.25
C ALA A 117 2.31 -5.95 1.72
N GLN A 118 1.42 -5.16 2.29
CA GLN A 118 1.86 -3.92 2.97
C GLN A 118 2.38 -4.26 4.35
N LEU A 119 3.63 -3.95 4.58
CA LEU A 119 4.28 -4.25 5.84
C LEU A 119 4.14 -2.98 6.71
N TRP A 120 3.75 -3.23 7.95
CA TRP A 120 3.44 -2.16 8.91
C TRP A 120 4.27 -2.30 10.15
N HIS A 121 4.82 -1.17 10.48
CA HIS A 121 5.52 -0.87 11.71
C HIS A 121 4.87 0.43 12.26
N MET A 122 4.41 0.39 13.51
CA MET A 122 3.86 1.64 14.10
C MET A 122 4.98 2.54 14.62
N GLY A 123 5.12 3.75 14.09
CA GLY A 123 6.07 4.76 14.60
C GLY A 123 5.43 5.90 15.44
N ARG A 124 6.28 6.63 16.18
CA ARG A 124 5.86 7.81 16.97
C ARG A 124 6.48 9.05 16.32
N MET A 125 5.76 10.19 16.38
CA MET A 125 6.31 11.50 15.95
C MET A 125 7.13 12.18 17.06
N VAL A 126 7.88 13.22 16.67
CA VAL A 126 8.81 13.92 17.59
C VAL A 126 8.15 14.74 18.74
N ALA A 161 7.43 4.09 21.41
CA ALA A 161 8.57 4.75 20.76
C ALA A 161 9.79 3.83 20.65
N LEU A 162 10.72 4.22 19.78
CA LEU A 162 11.81 3.34 19.33
C LEU A 162 13.20 3.86 19.77
N ARG A 163 14.03 2.96 20.29
CA ARG A 163 15.39 3.29 20.71
C ARG A 163 16.37 3.00 19.60
N LEU A 164 17.39 3.85 19.48
CA LEU A 164 18.57 3.59 18.64
C LEU A 164 19.03 2.14 18.64
N ASP A 165 18.94 1.51 19.80
CA ASP A 165 19.53 0.16 19.99
C ASP A 165 18.57 -0.93 19.51
N GLU A 166 17.34 -0.53 19.17
CA GLU A 166 16.34 -1.42 18.56
C GLU A 166 16.27 -1.36 17.00
N ILE A 167 17.02 -0.44 16.36
CA ILE A 167 17.01 -0.28 14.90
CA ILE A 167 16.98 -0.29 14.91
C ILE A 167 17.45 -1.56 14.20
N PRO A 168 18.43 -2.27 14.79
CA PRO A 168 18.88 -3.50 14.10
C PRO A 168 17.87 -4.62 14.16
N ARG A 169 17.15 -4.71 15.27
CA ARG A 169 16.05 -5.64 15.40
C ARG A 169 14.94 -5.25 14.39
N LEU A 170 14.74 -3.97 14.20
CA LEU A 170 13.67 -3.51 13.32
C LEU A 170 14.02 -3.91 11.88
N LEU A 171 15.26 -3.70 11.49
CA LEU A 171 15.69 -4.05 10.15
C LEU A 171 15.56 -5.54 9.95
N ASP A 172 15.98 -6.30 10.95
CA ASP A 172 15.83 -7.74 10.92
C ASP A 172 14.37 -8.18 10.81
N ASP A 173 13.47 -7.44 11.46
CA ASP A 173 12.04 -7.82 11.39
C ASP A 173 11.45 -7.61 9.99
N TYR A 174 11.83 -6.51 9.38
CA TYR A 174 11.47 -6.26 8.01
C TYR A 174 12.07 -7.29 7.03
N GLU A 175 13.32 -7.68 7.22
CA GLU A 175 13.94 -8.68 6.36
C GLU A 175 13.17 -9.97 6.43
N LYS A 176 12.89 -10.35 7.63
CA LYS A 176 12.20 -11.55 7.86
C LYS A 176 10.74 -11.52 7.33
N ALA A 177 10.05 -10.41 7.54
CA ALA A 177 8.69 -10.28 7.01
C ALA A 177 8.73 -10.30 5.47
N ALA A 178 9.67 -9.63 4.87
CA ALA A 178 9.78 -9.67 3.41
C ALA A 178 10.04 -11.07 2.84
N ARG A 179 10.96 -11.79 3.49
CA ARG A 179 11.22 -13.19 3.10
CA ARG A 179 11.21 -13.18 3.12
C ARG A 179 9.99 -14.05 3.33
N HIS A 180 9.32 -13.89 4.49
CA HIS A 180 8.11 -14.65 4.77
C HIS A 180 7.01 -14.34 3.75
N ALA A 181 6.94 -13.09 3.30
CA ALA A 181 5.96 -12.74 2.28
C ALA A 181 6.18 -13.51 1.00
N LEU A 182 7.44 -13.70 0.58
CA LEU A 182 7.73 -14.51 -0.62
C LEU A 182 7.27 -15.93 -0.33
N LYS A 183 7.59 -16.43 0.86
CA LYS A 183 7.26 -17.84 1.19
C LYS A 183 5.81 -18.04 1.16
N ALA A 184 5.08 -16.99 1.57
CA ALA A 184 3.58 -16.97 1.57
C ALA A 184 2.96 -16.80 0.20
N GLY A 185 3.79 -16.55 -0.83
CA GLY A 185 3.31 -16.52 -2.16
C GLY A 185 2.92 -15.08 -2.61
N PHE A 186 3.21 -14.05 -1.79
CA PHE A 186 2.98 -12.68 -2.25
C PHE A 186 3.96 -12.41 -3.39
N ASP A 187 3.60 -11.47 -4.28
CA ASP A 187 4.40 -11.04 -5.39
C ASP A 187 5.48 -10.03 -5.00
N GLY A 188 5.21 -9.33 -3.92
CA GLY A 188 6.14 -8.38 -3.33
C GLY A 188 5.62 -7.77 -2.09
N VAL A 189 6.28 -6.65 -1.69
CA VAL A 189 5.88 -5.99 -0.44
C VAL A 189 5.91 -4.49 -0.65
N GLN A 190 5.11 -3.80 0.16
CA GLN A 190 5.07 -2.32 0.20
C GLN A 190 5.34 -1.92 1.62
N ILE A 191 6.34 -1.07 1.71
CA ILE A 191 6.75 -0.40 2.97
C ILE A 191 5.95 0.92 3.05
N HIS A 192 5.37 1.15 4.21
CA HIS A 192 4.61 2.36 4.46
C HIS A 192 5.45 3.37 5.27
N ALA A 193 5.52 4.59 4.77
CA ALA A 193 6.24 5.68 5.42
C ALA A 193 5.40 6.98 5.42
N ALA A 194 5.60 7.74 6.48
CA ALA A 194 4.80 8.93 6.71
C ALA A 194 5.53 9.69 7.83
N ASN A 195 5.06 10.89 8.14
CA ASN A 195 5.75 11.65 9.16
C ASN A 195 5.92 10.85 10.44
N GLY A 196 4.92 10.30 11.06
CA GLY A 196 5.49 9.43 12.21
C GLY A 196 6.47 8.22 11.98
N TYR A 197 6.61 7.76 10.72
CA TYR A 197 6.77 6.30 10.37
C TYR A 197 7.92 6.15 9.39
N LEU A 198 9.11 5.86 9.92
CA LEU A 198 10.37 5.72 9.16
C LEU A 198 10.96 7.04 8.73
N ILE A 199 10.08 8.01 8.58
CA ILE A 199 10.52 9.37 8.26
C ILE A 199 10.27 10.21 9.55
N ASP A 200 11.30 10.86 10.06
CA ASP A 200 11.16 11.69 11.27
C ASP A 200 10.53 10.89 12.35
N GLU A 201 11.03 9.70 12.51
CA GLU A 201 10.52 8.85 13.52
C GLU A 201 11.28 9.27 14.79
N PHE A 202 10.56 9.23 15.90
CA PHE A 202 11.10 9.48 17.24
C PHE A 202 12.07 8.35 17.63
N ILE A 203 13.36 8.67 17.70
CA ILE A 203 14.40 7.76 18.20
C ILE A 203 15.09 8.35 19.45
N GLU A 213 21.44 11.15 14.78
CA GLU A 213 21.77 10.66 13.43
C GLU A 213 20.52 10.42 12.52
N TYR A 214 19.36 10.42 13.17
CA TYR A 214 18.09 10.37 12.45
C TYR A 214 17.37 11.74 12.42
N GLY A 215 18.16 12.81 12.50
CA GLY A 215 17.66 14.18 12.52
C GLY A 215 18.54 15.20 11.81
N GLY A 216 17.95 16.34 11.53
CA GLY A 216 18.70 17.46 11.03
C GLY A 216 18.71 17.59 9.53
N ALA A 217 19.79 17.08 8.92
CA ALA A 217 19.93 17.13 7.47
C ALA A 217 18.82 16.21 6.93
N VAL A 218 18.31 16.49 5.72
CA VAL A 218 17.23 15.68 5.12
C VAL A 218 17.66 14.21 5.08
N GLU A 219 18.90 13.99 4.62
CA GLU A 219 19.58 12.69 4.63
C GLU A 219 19.35 11.88 5.90
N ASN A 220 19.43 12.52 7.05
CA ASN A 220 19.25 11.79 8.30
C ASN A 220 17.78 11.54 8.63
N ARG A 221 16.95 12.50 8.21
CA ARG A 221 15.50 12.49 8.47
C ARG A 221 14.77 11.36 7.70
N ILE A 222 15.34 11.02 6.53
CA ILE A 222 14.88 9.85 5.70
C ILE A 222 15.75 8.58 5.80
N ARG A 223 16.76 8.61 6.68
CA ARG A 223 17.72 7.52 6.80
C ARG A 223 17.09 6.15 7.16
N LEU A 224 16.20 6.15 8.14
CA LEU A 224 15.64 4.90 8.56
C LEU A 224 14.83 4.28 7.40
N LEU A 225 14.11 5.11 6.65
CA LEU A 225 13.40 4.64 5.45
C LEU A 225 14.34 4.03 4.41
N LYS A 226 15.46 4.71 4.15
CA LYS A 226 16.45 4.22 3.23
C LYS A 226 17.02 2.89 3.70
N ASP A 227 17.38 2.81 4.96
CA ASP A 227 17.95 1.58 5.48
C ASP A 227 16.95 0.45 5.42
N VAL A 228 15.69 0.73 5.75
CA VAL A 228 14.64 -0.31 5.69
C VAL A 228 14.50 -0.77 4.22
N THR A 229 14.40 0.15 3.30
CA THR A 229 14.14 -0.17 1.90
C THR A 229 15.33 -1.00 1.32
N GLU A 230 16.56 -0.62 1.68
CA GLU A 230 17.75 -1.34 1.23
C GLU A 230 17.79 -2.74 1.80
N ARG A 231 17.38 -2.95 3.05
CA ARG A 231 17.38 -4.28 3.58
C ARG A 231 16.35 -5.15 2.84
N VAL A 232 15.16 -4.59 2.60
CA VAL A 232 14.13 -5.34 1.89
C VAL A 232 14.57 -5.66 0.48
N ILE A 233 15.15 -4.70 -0.21
CA ILE A 233 15.68 -4.98 -1.54
C ILE A 233 16.73 -6.08 -1.55
N ALA A 234 17.56 -6.15 -0.52
CA ALA A 234 18.70 -7.10 -0.43
C ALA A 234 18.12 -8.47 -0.24
N THR A 235 16.89 -8.49 0.27
CA THR A 235 16.24 -9.74 0.63
C THR A 235 15.41 -10.37 -0.49
N ILE A 236 14.64 -9.52 -1.19
CA ILE A 236 13.69 -9.92 -2.21
C ILE A 236 13.84 -9.30 -3.58
N GLY A 237 14.71 -8.30 -3.71
CA GLY A 237 14.95 -7.62 -4.98
C GLY A 237 14.15 -6.35 -5.11
N LYS A 238 14.75 -5.36 -5.79
CA LYS A 238 14.06 -4.13 -5.98
C LYS A 238 12.79 -4.23 -6.82
N GLU A 239 12.73 -5.27 -7.69
CA GLU A 239 11.56 -5.50 -8.53
CA GLU A 239 11.59 -5.54 -8.56
C GLU A 239 10.34 -6.02 -7.80
N ARG A 240 10.50 -6.39 -6.53
CA ARG A 240 9.43 -6.77 -5.62
C ARG A 240 9.22 -5.82 -4.48
N THR A 241 9.84 -4.61 -4.51
CA THR A 241 9.82 -3.77 -3.33
C THR A 241 9.20 -2.45 -3.75
N ALA A 242 8.13 -2.11 -3.04
CA ALA A 242 7.43 -0.81 -3.28
C ALA A 242 7.28 -0.06 -1.97
N VAL A 243 6.95 1.25 -2.10
CA VAL A 243 6.72 2.10 -0.93
C VAL A 243 5.44 2.92 -1.17
N ARG A 244 4.74 3.20 -0.07
CA ARG A 244 3.68 4.21 0.01
C ARG A 244 4.14 5.34 0.93
N LEU A 245 4.07 6.54 0.38
CA LEU A 245 4.27 7.80 1.15
C LEU A 245 2.92 8.43 1.44
N SER A 246 2.66 8.79 2.70
CA SER A 246 1.41 9.45 3.12
C SER A 246 1.81 10.80 3.75
N PRO A 247 2.06 11.81 2.92
CA PRO A 247 2.59 13.12 3.42
C PRO A 247 1.58 13.92 4.29
N TYR A 248 0.29 13.65 4.08
CA TYR A 248 -0.79 14.29 4.81
C TYR A 248 -1.33 13.48 5.97
N GLY A 249 -0.59 12.47 6.40
CA GLY A 249 -1.00 11.65 7.52
C GLY A 249 -1.58 10.30 7.18
N VAL A 250 -1.61 9.46 8.19
CA VAL A 250 -1.78 8.01 8.03
C VAL A 250 -3.21 7.53 8.19
N PHE A 251 -3.92 7.99 9.22
CA PHE A 251 -5.28 7.49 9.45
C PHE A 251 -6.39 8.40 8.91
N ASN A 252 -6.02 9.67 8.70
CA ASN A 252 -6.97 10.80 8.66
C ASN A 252 -8.23 10.66 9.60
N GLY A 261 7.32 21.89 5.62
CA GLY A 261 7.86 20.65 6.22
C GLY A 261 7.79 19.43 5.30
N ILE A 262 6.61 19.26 4.68
CA ILE A 262 6.28 18.18 3.72
C ILE A 262 7.20 18.18 2.50
N VAL A 263 7.29 19.33 1.85
CA VAL A 263 8.03 19.49 0.58
C VAL A 263 9.48 19.14 0.88
N GLN A 264 9.99 19.90 1.84
CA GLN A 264 11.33 19.78 2.38
C GLN A 264 11.82 18.34 2.52
N VAL A 265 10.90 17.40 2.84
CA VAL A 265 11.32 16.04 3.18
C VAL A 265 10.81 14.93 2.25
N PHE A 266 9.56 15.04 1.77
CA PHE A 266 8.97 13.97 0.94
C PHE A 266 9.52 14.00 -0.46
N ILE A 267 9.96 15.16 -0.97
CA ILE A 267 10.54 15.20 -2.32
CA ILE A 267 10.54 15.20 -2.32
C ILE A 267 11.92 14.49 -2.33
N PRO A 268 12.77 14.80 -1.35
CA PRO A 268 14.02 14.04 -1.17
C PRO A 268 13.80 12.54 -0.87
N ALA A 269 12.73 12.20 -0.15
CA ALA A 269 12.45 10.79 0.17
C ALA A 269 12.19 10.11 -1.15
N ALA A 270 11.36 10.72 -1.99
CA ALA A 270 11.08 10.16 -3.29
C ALA A 270 12.30 10.08 -4.25
N LYS A 271 13.14 11.12 -4.31
CA LYS A 271 14.40 11.00 -5.08
C LYS A 271 15.28 9.85 -4.60
N MET A 272 15.41 9.69 -3.30
CA MET A 272 16.18 8.60 -2.72
C MET A 272 15.63 7.24 -3.13
N LEU A 273 14.31 7.12 -3.10
CA LEU A 273 13.65 5.84 -3.50
C LEU A 273 13.81 5.58 -4.99
N SER A 274 13.76 6.64 -5.79
CA SER A 274 13.97 6.53 -7.21
C SER A 274 15.39 6.00 -7.48
N ASP A 275 16.35 6.46 -6.70
CA ASP A 275 17.72 6.08 -6.95
C ASP A 275 17.86 4.62 -6.54
N LEU A 276 17.07 4.14 -5.58
CA LEU A 276 17.08 2.73 -5.22
C LEU A 276 16.33 1.86 -6.25
N ASP A 277 15.64 2.52 -7.19
CA ASP A 277 14.95 1.94 -8.33
C ASP A 277 13.91 0.86 -7.87
N ILE A 278 13.15 1.22 -6.84
CA ILE A 278 12.01 0.42 -6.37
C ILE A 278 10.96 0.28 -7.47
N ALA A 279 10.12 -0.74 -7.30
CA ALA A 279 9.20 -1.11 -8.32
C ALA A 279 8.12 -0.08 -8.65
N PHE A 280 7.56 0.54 -7.61
CA PHE A 280 6.62 1.67 -7.79
C PHE A 280 6.57 2.41 -6.50
N LEU A 281 6.10 3.64 -6.59
CA LEU A 281 5.80 4.46 -5.43
C LEU A 281 4.31 4.78 -5.43
N GLY A 282 3.68 4.52 -4.29
CA GLY A 282 2.32 4.94 -4.01
C GLY A 282 2.42 6.29 -3.27
N MET A 283 1.60 7.26 -3.68
CA MET A 283 1.48 8.48 -2.90
C MET A 283 0.04 8.92 -2.68
N ARG A 284 -0.28 9.10 -1.40
CA ARG A 284 -1.60 9.49 -0.97
C ARG A 284 -1.69 11.01 -0.91
N GLU A 285 -2.40 11.58 -1.87
CA GLU A 285 -2.61 13.01 -1.97
C GLU A 285 -3.93 13.30 -2.64
N GLY A 286 -4.79 14.02 -1.89
CA GLY A 286 -6.07 14.45 -2.42
C GLY A 286 -6.04 14.80 -3.92
N ALA A 287 -6.72 13.96 -4.70
CA ALA A 287 -7.19 14.35 -6.06
C ALA A 287 -7.66 15.85 -6.24
N VAL A 288 -8.42 16.40 -5.27
CA VAL A 288 -9.16 17.69 -5.43
C VAL A 288 -8.29 18.98 -5.35
N ASP A 289 -8.58 19.89 -6.28
CA ASP A 289 -7.95 21.22 -6.32
C ASP A 289 -9.08 22.26 -6.17
N GLY A 290 -9.13 22.91 -5.01
CA GLY A 290 -10.23 23.83 -4.66
C GLY A 290 -11.16 23.24 -3.62
N THR A 291 -10.93 23.64 -2.35
CA THR A 291 -11.74 23.20 -1.20
C THR A 291 -12.21 24.45 -0.47
N PHE A 292 -13.49 24.51 -0.12
CA PHE A 292 -13.97 25.77 0.54
C PHE A 292 -13.36 25.93 1.94
N GLY A 293 -13.02 27.17 2.30
CA GLY A 293 -12.36 27.45 3.59
C GLY A 293 -10.89 27.04 3.70
N LYS A 294 -10.31 26.50 2.64
CA LYS A 294 -8.91 26.08 2.63
C LYS A 294 -8.20 27.05 1.76
N THR A 295 -7.06 27.51 2.24
CA THR A 295 -6.20 28.39 1.44
C THR A 295 -5.41 27.47 0.48
N ASP A 296 -4.99 28.04 -0.63
CA ASP A 296 -4.32 27.28 -1.68
C ASP A 296 -2.88 26.90 -1.27
N GLN A 297 -2.54 25.62 -1.45
CA GLN A 297 -1.14 25.17 -1.48
C GLN A 297 -0.93 24.30 -2.74
N PRO A 298 0.26 24.41 -3.37
CA PRO A 298 0.44 23.56 -4.57
C PRO A 298 0.47 22.05 -4.25
N LYS A 299 0.05 21.23 -5.20
CA LYS A 299 0.13 19.78 -5.02
C LYS A 299 1.60 19.27 -4.94
N LEU A 300 1.82 18.28 -4.10
CA LEU A 300 3.10 17.62 -4.01
C LEU A 300 3.41 16.70 -5.18
N SER A 301 2.38 16.16 -5.82
CA SER A 301 2.55 15.11 -6.80
CA SER A 301 2.54 15.10 -6.81
C SER A 301 3.34 15.50 -8.05
N PRO A 302 3.07 16.69 -8.62
CA PRO A 302 3.90 17.01 -9.77
C PRO A 302 5.38 17.18 -9.45
N GLU A 303 5.69 17.53 -8.22
CA GLU A 303 7.05 17.63 -7.81
C GLU A 303 7.66 16.23 -7.58
N ILE A 304 6.87 15.33 -7.02
CA ILE A 304 7.29 13.92 -6.86
C ILE A 304 7.55 13.31 -8.22
N ARG A 305 6.71 13.59 -9.20
CA ARG A 305 6.86 13.05 -10.53
C ARG A 305 8.17 13.42 -11.17
N LYS A 306 8.65 14.64 -10.89
CA LYS A 306 9.93 15.07 -11.42
C LYS A 306 11.14 14.33 -10.88
N VAL A 307 11.17 14.03 -9.59
CA VAL A 307 12.31 13.32 -9.04
C VAL A 307 12.17 11.76 -9.03
N PHE A 308 10.96 11.25 -9.26
CA PHE A 308 10.75 9.80 -9.16
C PHE A 308 10.53 9.20 -10.54
N LYS A 309 11.49 8.37 -10.96
CA LYS A 309 11.45 7.83 -12.32
C LYS A 309 10.54 6.57 -12.52
N PRO A 310 10.58 5.59 -11.60
CA PRO A 310 9.71 4.42 -11.78
C PRO A 310 8.22 4.78 -11.72
N PRO A 311 7.34 3.76 -11.83
CA PRO A 311 5.93 4.10 -11.84
C PRO A 311 5.42 4.75 -10.57
N LEU A 312 4.56 5.76 -10.81
CA LEU A 312 3.97 6.57 -9.73
C LEU A 312 2.45 6.33 -9.74
N VAL A 313 1.99 5.86 -8.58
CA VAL A 313 0.60 5.52 -8.36
C VAL A 313 0.02 6.48 -7.34
N LEU A 314 -0.97 7.26 -7.77
CA LEU A 314 -1.62 8.21 -6.87
C LEU A 314 -2.91 7.64 -6.26
N ASN A 315 -3.24 8.16 -5.09
CA ASN A 315 -4.36 7.71 -4.29
C ASN A 315 -5.00 8.88 -3.54
N GLN A 316 -6.32 8.75 -3.31
CA GLN A 316 -7.17 9.55 -2.37
C GLN A 316 -8.29 10.22 -3.16
N ASP A 317 -9.53 9.80 -2.94
CA ASP A 317 -10.70 10.44 -3.54
C ASP A 317 -10.79 10.40 -5.05
N TYR A 318 -10.05 9.51 -5.72
CA TYR A 318 -10.15 9.48 -7.17
C TYR A 318 -11.42 8.86 -7.65
N THR A 319 -12.02 9.50 -8.66
CA THR A 319 -13.12 8.86 -9.40
C THR A 319 -12.55 8.36 -10.71
N PHE A 320 -13.36 7.63 -11.45
CA PHE A 320 -12.98 7.26 -12.78
C PHE A 320 -12.46 8.43 -13.60
N GLU A 321 -13.20 9.54 -13.53
CA GLU A 321 -12.87 10.70 -14.36
CA GLU A 321 -12.89 10.73 -14.34
C GLU A 321 -11.60 11.41 -13.88
N THR A 322 -11.46 11.65 -12.58
CA THR A 322 -10.25 12.32 -12.16
C THR A 322 -9.03 11.37 -12.27
N ALA A 323 -9.29 10.06 -12.11
CA ALA A 323 -8.18 9.07 -12.28
C ALA A 323 -7.66 9.12 -13.74
N GLN A 324 -8.57 9.04 -14.71
CA GLN A 324 -8.14 9.07 -16.11
C GLN A 324 -7.45 10.40 -16.41
N ALA A 325 -7.96 11.47 -15.81
CA ALA A 325 -7.34 12.80 -16.01
C ALA A 325 -5.91 12.82 -15.51
N ALA A 326 -5.69 12.17 -14.38
CA ALA A 326 -4.32 12.11 -13.87
C ALA A 326 -3.42 11.34 -14.82
N LEU A 327 -3.91 10.21 -15.40
CA LEU A 327 -3.10 9.46 -16.38
C LEU A 327 -2.85 10.36 -17.64
N ASP A 328 -3.91 11.05 -18.05
CA ASP A 328 -3.83 11.94 -19.23
C ASP A 328 -2.80 13.07 -19.03
N SER A 329 -2.69 13.60 -17.84
CA SER A 329 -1.73 14.68 -17.56
C SER A 329 -0.28 14.24 -17.53
N GLY A 330 -0.03 12.94 -17.51
CA GLY A 330 1.32 12.42 -17.25
C GLY A 330 1.77 12.26 -15.81
N VAL A 331 1.04 12.82 -14.83
CA VAL A 331 1.58 12.85 -13.47
C VAL A 331 1.53 11.42 -12.81
N ALA A 332 0.53 10.63 -13.21
CA ALA A 332 0.38 9.27 -12.62
C ALA A 332 0.37 8.27 -13.73
N ASP A 333 0.95 7.08 -13.40
CA ASP A 333 0.97 5.94 -14.30
C ASP A 333 -0.20 5.01 -13.98
N ALA A 334 -0.59 5.01 -12.73
CA ALA A 334 -1.76 4.20 -12.28
C ALA A 334 -2.37 4.90 -11.03
N ILE A 335 -3.58 4.48 -10.65
CA ILE A 335 -4.28 5.07 -9.52
C ILE A 335 -4.78 3.90 -8.64
N SER A 336 -4.68 4.05 -7.33
CA SER A 336 -5.24 3.06 -6.40
C SER A 336 -6.48 3.64 -5.76
N PHE A 337 -7.44 2.75 -5.55
CA PHE A 337 -8.76 3.07 -4.99
C PHE A 337 -8.93 2.27 -3.75
N GLY A 338 -9.29 2.92 -2.66
CA GLY A 338 -9.51 2.17 -1.42
C GLY A 338 -10.97 1.88 -1.19
N ARG A 339 -11.66 2.86 -0.59
CA ARG A 339 -13.13 2.64 -0.29
C ARG A 339 -13.98 2.04 -1.40
N PRO A 340 -13.81 2.48 -2.69
CA PRO A 340 -14.60 1.91 -3.76
C PRO A 340 -14.47 0.36 -3.87
N PHE A 341 -13.27 -0.16 -3.54
CA PHE A 341 -13.10 -1.66 -3.63
C PHE A 341 -13.72 -2.42 -2.49
N ILE A 342 -14.08 -1.71 -1.41
CA ILE A 342 -14.84 -2.34 -0.30
C ILE A 342 -16.18 -2.83 -0.85
N GLY A 343 -16.93 -1.94 -1.50
CA GLY A 343 -18.31 -2.33 -1.97
C GLY A 343 -18.42 -2.77 -3.39
N ASN A 344 -17.33 -2.53 -4.15
CA ASN A 344 -17.28 -2.85 -5.56
C ASN A 344 -16.13 -3.76 -5.89
N PRO A 345 -16.29 -5.06 -5.67
CA PRO A 345 -15.15 -5.94 -5.91
C PRO A 345 -14.64 -5.93 -7.33
N ASP A 346 -15.58 -5.69 -8.26
CA ASP A 346 -15.30 -5.62 -9.73
C ASP A 346 -15.29 -4.21 -10.18
N LEU A 347 -14.64 -3.37 -9.39
CA LEU A 347 -14.49 -1.97 -9.76
C LEU A 347 -14.07 -1.73 -11.20
N PRO A 348 -12.99 -2.41 -11.69
CA PRO A 348 -12.60 -2.14 -13.07
C PRO A 348 -13.72 -2.32 -14.07
N ARG A 349 -14.50 -3.39 -13.96
CA ARG A 349 -15.59 -3.58 -14.88
C ARG A 349 -16.71 -2.55 -14.73
N ARG A 350 -16.96 -2.10 -13.50
CA ARG A 350 -17.98 -1.03 -13.34
C ARG A 350 -17.52 0.22 -14.05
N PHE A 351 -16.25 0.52 -13.90
CA PHE A 351 -15.69 1.70 -14.54
C PHE A 351 -15.79 1.61 -16.06
N PHE A 352 -15.44 0.45 -16.58
CA PHE A 352 -15.53 0.14 -18.00
C PHE A 352 -16.94 0.28 -18.57
N GLU A 353 -17.88 -0.33 -17.88
CA GLU A 353 -19.31 -0.26 -18.26
C GLU A 353 -20.05 1.00 -17.80
N LYS A 354 -19.36 1.89 -17.10
CA LYS A 354 -20.03 3.03 -16.47
C LYS A 354 -21.22 2.59 -15.62
N ALA A 355 -21.06 1.51 -14.87
CA ALA A 355 -22.12 1.06 -13.99
C ALA A 355 -22.12 1.82 -12.67
N PRO A 356 -23.32 1.96 -12.07
CA PRO A 356 -23.34 2.54 -10.75
C PRO A 356 -22.54 1.72 -9.71
N LEU A 357 -21.98 2.43 -8.77
CA LEU A 357 -21.28 1.83 -7.63
C LEU A 357 -22.20 1.46 -6.48
N THR A 358 -21.89 0.35 -5.82
CA THR A 358 -22.51 0.00 -4.56
C THR A 358 -21.87 0.81 -3.44
N LYS A 359 -22.70 1.43 -2.62
CA LYS A 359 -22.29 2.16 -1.47
C LYS A 359 -21.66 1.23 -0.43
N ASP A 360 -20.51 1.57 0.14
CA ASP A 360 -19.99 0.74 1.25
C ASP A 360 -20.61 1.13 2.57
N VAL A 361 -20.67 0.14 3.41
CA VAL A 361 -21.24 0.32 4.71
C VAL A 361 -20.14 0.50 5.71
N ILE A 362 -19.99 1.73 6.18
CA ILE A 362 -18.87 2.09 7.06
C ILE A 362 -18.82 1.30 8.35
N GLU A 363 -20.01 0.95 8.86
CA GLU A 363 -20.19 0.19 10.08
CA GLU A 363 -20.08 0.26 10.14
C GLU A 363 -19.45 -1.13 10.09
N THR A 364 -19.30 -1.72 8.90
CA THR A 364 -18.72 -3.06 8.83
C THR A 364 -17.27 -3.07 8.21
N TRP A 365 -16.65 -1.91 8.14
CA TRP A 365 -15.26 -1.80 7.69
C TRP A 365 -14.32 -2.64 8.53
N TYR A 366 -14.51 -2.60 9.87
CA TYR A 366 -13.64 -3.30 10.81
C TYR A 366 -14.24 -4.33 11.73
N THR A 367 -15.44 -4.79 11.41
CA THR A 367 -16.03 -5.91 12.12
C THR A 367 -15.38 -7.23 11.71
N GLN A 368 -15.78 -8.34 12.31
CA GLN A 368 -14.98 -9.55 12.24
C GLN A 368 -15.58 -10.61 11.35
N THR A 369 -16.78 -10.33 10.77
CA THR A 369 -17.52 -11.37 9.98
C THR A 369 -17.61 -11.08 8.47
N PRO A 370 -18.11 -12.04 7.70
CA PRO A 370 -18.28 -11.85 6.28
C PRO A 370 -19.20 -10.70 5.88
N LYS A 371 -20.06 -10.23 6.78
CA LYS A 371 -21.03 -9.21 6.43
C LYS A 371 -20.30 -7.88 6.27
N GLY A 372 -20.53 -7.28 5.14
CA GLY A 372 -19.86 -5.98 4.80
C GLY A 372 -18.41 -6.28 4.41
N TYR A 373 -18.14 -7.54 4.04
CA TYR A 373 -16.74 -8.05 3.64
C TYR A 373 -16.75 -8.81 2.31
N THR A 374 -17.31 -10.04 2.27
CA THR A 374 -17.42 -10.82 1.08
C THR A 374 -18.84 -10.89 0.44
N ASP A 375 -19.79 -10.12 1.00
CA ASP A 375 -21.19 -10.18 0.55
C ASP A 375 -21.63 -9.05 -0.32
N TYR A 376 -20.70 -8.20 -0.75
CA TYR A 376 -21.00 -7.30 -1.79
C TYR A 376 -20.99 -7.99 -3.15
N PRO A 377 -22.09 -7.91 -3.89
CA PRO A 377 -22.17 -8.64 -5.16
C PRO A 377 -21.36 -8.03 -6.30
N LEU A 378 -20.95 -8.89 -7.22
CA LEU A 378 -20.31 -8.53 -8.49
C LEU A 378 -21.45 -8.14 -9.38
N LEU A 379 -21.20 -7.36 -10.41
CA LEU A 379 -22.24 -7.00 -11.40
C LEU A 379 -23.03 -8.21 -11.96
#